data_4P1M
#
_entry.id   4P1M
#
_cell.length_a   54.100
_cell.length_b   54.100
_cell.length_c   328.070
_cell.angle_alpha   90.00
_cell.angle_beta   90.00
_cell.angle_gamma   120.00
#
_symmetry.space_group_name_H-M   'P 61 2 2'
#
loop_
_entity.id
_entity.type
_entity.pdbx_description
1 polymer 'Cell division protein ZapA'
2 non-polymer 'CHLORIDE ION'
3 water water
#
_entity_poly.entity_id   1
_entity_poly.type   'polypeptide(L)'
_entity_poly.pdbx_seq_one_letter_code
;MHHHHHHSIEGRSGMSAQPVDIQIFGRSLRVNCPPDQRDALNQAADDLNQRLQDLKERTRVTNTEQLVFIAALNISYELA
QEKAKTRDYAASMEQRIRMLQQTIEQALLEQGRITEKTNQNFE
;
_entity_poly.pdbx_strand_id   A,B
#
# COMPACT_ATOMS: atom_id res chain seq x y z
N GLN A 18 -27.21 5.80 0.81
CA GLN A 18 -28.62 5.45 1.00
C GLN A 18 -28.63 4.02 1.56
N PRO A 19 -29.79 3.54 2.06
CA PRO A 19 -29.70 2.26 2.77
C PRO A 19 -29.50 1.08 1.82
N VAL A 20 -28.56 0.20 2.16
CA VAL A 20 -28.30 -1.01 1.40
C VAL A 20 -28.19 -2.19 2.34
N ASP A 21 -28.79 -3.31 1.95
CA ASP A 21 -28.71 -4.54 2.74
C ASP A 21 -27.66 -5.46 2.13
N ILE A 22 -26.68 -5.84 2.94
CA ILE A 22 -25.51 -6.59 2.50
C ILE A 22 -25.45 -7.92 3.22
N GLN A 23 -25.16 -8.98 2.47
CA GLN A 23 -25.12 -10.33 3.02
C GLN A 23 -23.69 -10.84 3.10
N ILE A 24 -23.27 -11.20 4.31
CA ILE A 24 -21.91 -11.68 4.56
C ILE A 24 -21.93 -12.86 5.52
N PHE A 25 -21.48 -14.01 5.03
CA PHE A 25 -21.25 -15.18 5.87
C PHE A 25 -22.50 -15.58 6.67
N GLY A 26 -23.64 -15.61 6.00
CA GLY A 26 -24.88 -16.02 6.63
C GLY A 26 -25.54 -14.91 7.43
N ARG A 27 -24.89 -13.75 7.51
CA ARG A 27 -25.44 -12.61 8.24
C ARG A 27 -25.94 -11.52 7.32
N SER A 28 -26.89 -10.73 7.83
CA SER A 28 -27.56 -9.70 7.06
C SER A 28 -27.22 -8.34 7.64
N LEU A 29 -26.45 -7.54 6.91
CA LEU A 29 -26.03 -6.22 7.36
C LEU A 29 -26.80 -5.13 6.65
N ARG A 30 -26.96 -3.99 7.32
CA ARG A 30 -27.46 -2.79 6.66
C ARG A 30 -26.40 -1.71 6.74
N VAL A 31 -26.05 -1.17 5.58
CA VAL A 31 -24.97 -0.20 5.45
C VAL A 31 -25.50 0.96 4.62
N ASN A 32 -25.28 2.19 5.08
CA ASN A 32 -25.66 3.37 4.30
C ASN A 32 -24.55 3.66 3.32
N CYS A 33 -24.90 3.76 2.04
CA CYS A 33 -23.89 3.81 0.98
C CYS A 33 -24.43 4.55 -0.25
N PRO A 34 -23.71 5.60 -0.70
CA PRO A 34 -24.09 6.29 -1.94
C PRO A 34 -23.99 5.34 -3.14
N PRO A 35 -24.74 5.62 -4.22
CA PRO A 35 -24.66 4.75 -5.39
C PRO A 35 -23.26 4.64 -5.99
N ASP A 36 -22.49 5.74 -6.00
CA ASP A 36 -21.17 5.69 -6.62
C ASP A 36 -20.15 4.91 -5.77
N GLN A 37 -20.62 4.34 -4.65
CA GLN A 37 -19.80 3.43 -3.85
C GLN A 37 -20.40 2.02 -3.75
N ARG A 38 -21.55 1.79 -4.41
CA ARG A 38 -22.19 0.47 -4.35
C ARG A 38 -21.26 -0.63 -4.81
N ASP A 39 -20.54 -0.40 -5.91
CA ASP A 39 -19.66 -1.42 -6.45
C ASP A 39 -18.55 -1.74 -5.46
N ALA A 40 -18.00 -0.70 -4.84
CA ALA A 40 -16.95 -0.89 -3.82
C ALA A 40 -17.48 -1.73 -2.67
N LEU A 41 -18.73 -1.46 -2.29
CA LEU A 41 -19.36 -2.18 -1.20
C LEU A 41 -19.50 -3.65 -1.54
N ASN A 42 -19.99 -3.95 -2.74
CA ASN A 42 -20.13 -5.33 -3.17
C ASN A 42 -18.79 -6.08 -3.20
N GLN A 43 -17.73 -5.40 -3.61
CA GLN A 43 -16.41 -6.02 -3.61
C GLN A 43 -15.93 -6.27 -2.19
N ALA A 44 -16.16 -5.31 -1.31
CA ALA A 44 -15.74 -5.44 0.08
C ALA A 44 -16.50 -6.58 0.74
N ALA A 45 -17.77 -6.72 0.38
CA ALA A 45 -18.60 -7.80 0.90
C ALA A 45 -18.06 -9.15 0.42
N ASP A 46 -17.65 -9.20 -0.84
CA ASP A 46 -17.09 -10.43 -1.40
C ASP A 46 -15.74 -10.73 -0.76
N ASP A 47 -14.93 -9.68 -0.60
CA ASP A 47 -13.63 -9.80 0.04
C ASP A 47 -13.77 -10.38 1.44
N LEU A 48 -14.70 -9.84 2.21
CA LEU A 48 -14.87 -10.21 3.61
C LEU A 48 -15.46 -11.62 3.72
N ASN A 49 -16.44 -11.90 2.87
CA ASN A 49 -17.01 -13.24 2.76
C ASN A 49 -15.92 -14.28 2.54
N GLN A 50 -14.97 -13.98 1.65
CA GLN A 50 -13.91 -14.93 1.36
C GLN A 50 -12.90 -15.00 2.51
N ARG A 51 -12.64 -13.86 3.15
CA ARG A 51 -11.73 -13.82 4.29
C ARG A 51 -12.23 -14.71 5.43
N LEU A 52 -13.53 -14.64 5.68
CA LEU A 52 -14.12 -15.41 6.76
C LEU A 52 -14.13 -16.90 6.43
N GLN A 53 -14.38 -17.24 5.18
CA GLN A 53 -14.35 -18.63 4.76
C GLN A 53 -12.94 -19.21 4.80
N ASP A 54 -11.96 -18.40 4.43
CA ASP A 54 -10.57 -18.85 4.47
C ASP A 54 -10.07 -18.96 5.90
N LEU A 55 -10.38 -17.96 6.71
CA LEU A 55 -9.90 -17.91 8.08
C LEU A 55 -10.33 -19.19 8.77
N LYS A 56 -11.55 -19.61 8.45
CA LYS A 56 -12.20 -20.73 9.11
C LYS A 56 -11.55 -22.08 8.80
N GLU A 57 -11.29 -22.32 7.52
CA GLU A 57 -10.77 -23.61 7.09
C GLU A 57 -9.36 -23.87 7.64
N ARG A 58 -8.71 -22.80 8.11
CA ARG A 58 -7.32 -22.88 8.57
C ARG A 58 -7.12 -22.69 10.08
N THR A 59 -8.13 -22.18 10.78
CA THR A 59 -8.00 -21.92 12.22
C THR A 59 -8.94 -22.74 13.09
N ARG A 60 -9.74 -23.62 12.50
CA ARG A 60 -10.68 -24.49 13.21
C ARG A 60 -11.72 -23.79 14.11
N VAL A 61 -11.58 -22.49 14.34
CA VAL A 61 -12.65 -21.67 14.92
C VAL A 61 -13.91 -21.80 14.06
N THR A 62 -15.05 -22.00 14.74
CA THR A 62 -16.32 -22.26 14.07
C THR A 62 -17.36 -21.16 14.35
N ASN A 63 -17.26 -20.50 15.52
CA ASN A 63 -18.18 -19.41 15.85
C ASN A 63 -17.95 -18.26 14.86
N THR A 64 -19.04 -17.69 14.38
CA THR A 64 -19.02 -16.60 13.41
C THR A 64 -18.55 -15.29 14.02
N GLU A 65 -19.07 -14.95 15.19
CA GLU A 65 -18.67 -13.70 15.85
C GLU A 65 -17.19 -13.74 16.18
N GLN A 66 -16.71 -14.89 16.65
CA GLN A 66 -15.29 -15.04 16.93
C GLN A 66 -14.50 -14.80 15.66
N LEU A 67 -14.91 -15.47 14.58
CA LEU A 67 -14.23 -15.34 13.28
C LEU A 67 -14.15 -13.89 12.83
N VAL A 68 -15.22 -13.13 12.98
CA VAL A 68 -15.24 -11.76 12.46
C VAL A 68 -14.35 -10.82 13.27
N PHE A 69 -14.25 -11.04 14.59
CA PHE A 69 -13.34 -10.26 15.41
C PHE A 69 -11.89 -10.51 14.95
N ILE A 70 -11.56 -11.78 14.74
CA ILE A 70 -10.22 -12.16 14.30
C ILE A 70 -9.94 -11.58 12.90
N ALA A 71 -10.91 -11.69 12.00
CA ALA A 71 -10.74 -11.16 10.64
C ALA A 71 -10.56 -9.64 10.64
N ALA A 72 -11.32 -8.96 11.49
CA ALA A 72 -11.23 -7.51 11.61
C ALA A 72 -9.86 -7.09 12.15
N LEU A 73 -9.33 -7.90 13.05
CA LEU A 73 -8.03 -7.63 13.64
C LEU A 73 -6.95 -7.85 12.58
N ASN A 74 -6.99 -9.01 11.92
CA ASN A 74 -6.05 -9.31 10.85
C ASN A 74 -6.01 -8.22 9.79
N ILE A 75 -7.19 -7.76 9.38
CA ILE A 75 -7.28 -6.83 8.26
C ILE A 75 -6.86 -5.41 8.66
N SER A 76 -7.05 -5.05 9.92
CA SER A 76 -6.51 -3.79 10.43
C SER A 76 -4.97 -3.82 10.33
N TYR A 77 -4.39 -4.95 10.71
CA TYR A 77 -2.94 -5.16 10.66
C TYR A 77 -2.44 -5.15 9.23
N GLU A 78 -3.23 -5.73 8.33
CA GLU A 78 -2.94 -5.71 6.91
C GLU A 78 -2.91 -4.29 6.37
N LEU A 79 -3.90 -3.49 6.76
CA LEU A 79 -3.97 -2.11 6.32
C LEU A 79 -2.77 -1.32 6.83
N ALA A 80 -2.36 -1.58 8.07
CA ALA A 80 -1.19 -0.92 8.63
C ALA A 80 0.03 -1.24 7.79
N GLN A 81 0.18 -2.52 7.46
CA GLN A 81 1.30 -2.98 6.64
C GLN A 81 1.26 -2.36 5.25
N GLU A 82 0.08 -2.31 4.67
CA GLU A 82 -0.06 -1.78 3.32
C GLU A 82 0.29 -0.29 3.31
N LYS A 83 -0.13 0.43 4.36
CA LYS A 83 0.21 1.85 4.45
C LYS A 83 1.71 2.06 4.59
N ALA A 84 2.37 1.17 5.33
CA ALA A 84 3.83 1.22 5.46
C ALA A 84 4.48 0.97 4.11
N LYS A 85 3.89 0.05 3.35
CA LYS A 85 4.40 -0.28 2.03
C LYS A 85 4.35 0.94 1.11
N THR A 86 3.22 1.65 1.16
CA THR A 86 3.06 2.87 0.37
C THR A 86 4.12 3.91 0.73
N ARG A 87 4.34 4.11 2.01
CA ARG A 87 5.36 5.04 2.48
C ARG A 87 6.74 4.60 2.01
N ASP A 88 7.01 3.30 2.11
CA ASP A 88 8.29 2.76 1.69
C ASP A 88 8.53 2.93 0.19
N TYR A 89 7.48 2.69 -0.61
CA TYR A 89 7.60 2.84 -2.05
C TYR A 89 7.99 4.27 -2.39
N ALA A 90 7.25 5.22 -1.82
CA ALA A 90 7.46 6.64 -2.07
C ALA A 90 8.84 7.09 -1.61
N ALA A 91 9.24 6.67 -0.42
CA ALA A 91 10.54 7.05 0.11
C ALA A 91 11.67 6.53 -0.78
N SER A 92 11.48 5.34 -1.34
CA SER A 92 12.49 4.71 -2.16
C SER A 92 12.62 5.43 -3.50
N MET A 93 11.49 5.66 -4.15
CA MET A 93 11.51 6.33 -5.44
C MET A 93 12.00 7.76 -5.28
N GLU A 94 11.67 8.41 -4.16
CA GLU A 94 12.22 9.74 -3.87
C GLU A 94 13.75 9.70 -3.97
N GLN A 95 14.36 8.68 -3.36
CA GLN A 95 15.81 8.51 -3.40
C GLN A 95 16.34 8.31 -4.82
N ARG A 96 15.61 7.57 -5.66
CA ARG A 96 16.02 7.38 -7.04
C ARG A 96 15.96 8.72 -7.79
N ILE A 97 14.93 9.51 -7.51
CA ILE A 97 14.78 10.82 -8.16
C ILE A 97 15.94 11.72 -7.79
N ARG A 98 16.34 11.68 -6.52
CA ARG A 98 17.49 12.46 -6.07
C ARG A 98 18.79 12.03 -6.75
N MET A 99 18.93 10.74 -7.05
CA MET A 99 20.14 10.28 -7.73
C MET A 99 20.13 10.74 -9.17
N LEU A 100 18.96 10.69 -9.80
CA LEU A 100 18.84 11.21 -11.17
C LEU A 100 19.22 12.66 -11.19
N GLN A 101 18.69 13.42 -10.24
CA GLN A 101 19.08 14.81 -10.11
C GLN A 101 20.59 14.88 -9.96
N GLN A 102 21.14 14.21 -8.95
CA GLN A 102 22.59 14.23 -8.71
C GLN A 102 23.44 13.85 -9.95
N THR A 103 22.93 13.00 -10.82
CA THR A 103 23.65 12.65 -12.03
C THR A 103 23.66 13.81 -13.02
N ILE A 104 22.56 14.55 -13.06
CA ILE A 104 22.50 15.78 -13.86
C ILE A 104 23.55 16.83 -13.44
N GLU A 105 23.63 17.20 -12.16
CA GLU A 105 24.61 18.22 -11.77
C GLU A 105 26.02 17.72 -12.00
N GLN A 106 26.21 16.40 -11.92
CA GLN A 106 27.53 15.82 -12.22
C GLN A 106 27.88 16.03 -13.68
N ALA A 107 26.94 15.78 -14.57
CA ALA A 107 27.14 15.97 -16.00
C ALA A 107 27.53 17.42 -16.28
N LEU A 108 26.88 18.34 -15.59
CA LEU A 108 27.13 19.77 -15.78
C LEU A 108 28.46 20.20 -15.15
N LEU A 109 28.81 19.61 -14.01
CA LEU A 109 30.09 19.91 -13.38
C LEU A 109 31.24 19.40 -14.21
N GLU A 110 31.10 18.18 -14.70
CA GLU A 110 32.12 17.53 -15.53
C GLU A 110 32.30 18.28 -16.85
N GLN A 111 31.19 18.70 -17.42
CA GLN A 111 31.21 19.46 -18.67
C GLN A 111 31.98 20.76 -18.50
N GLY A 112 31.71 21.45 -17.39
CA GLY A 112 32.41 22.68 -17.08
C GLY A 112 33.89 22.44 -16.87
N ARG A 113 34.22 21.41 -16.09
CA ARG A 113 35.61 21.08 -15.81
C ARG A 113 36.40 20.84 -17.08
N ILE A 114 35.83 20.05 -17.99
CA ILE A 114 36.53 19.68 -19.22
C ILE A 114 36.59 20.83 -20.23
N THR A 115 35.44 21.43 -20.52
CA THR A 115 35.38 22.45 -21.57
C THR A 115 36.11 23.74 -21.21
N GLU A 116 36.25 24.01 -19.91
CA GLU A 116 36.90 25.25 -19.48
C GLU A 116 38.43 25.16 -19.54
N LYS A 117 38.95 23.96 -19.83
CA LYS A 117 40.38 23.82 -20.06
C LYS A 117 40.80 24.56 -21.31
N THR A 118 41.86 25.33 -21.22
CA THR A 118 42.37 26.07 -22.37
C THR A 118 43.58 25.32 -22.91
N ASN A 119 43.64 25.17 -24.23
CA ASN A 119 44.79 24.54 -24.86
C ASN A 119 46.03 25.40 -24.64
N GLN A 120 47.09 24.76 -24.18
CA GLN A 120 48.36 25.45 -23.93
C GLN A 120 49.18 25.56 -25.21
N ASN A 121 50.16 26.46 -25.20
CA ASN A 121 51.20 26.50 -26.23
C ASN A 121 52.56 26.40 -25.57
N PHE A 122 53.59 26.31 -26.40
CA PHE A 122 54.96 26.23 -25.92
C PHE A 122 55.51 27.64 -25.67
N GLU A 123 55.25 28.54 -26.61
CA GLU A 123 55.57 29.95 -26.44
C GLU A 123 54.60 30.79 -27.26
N SER B 16 7.49 -20.76 18.32
CA SER B 16 6.89 -19.64 19.03
C SER B 16 5.38 -19.61 18.77
N ALA B 17 4.76 -18.45 19.02
CA ALA B 17 3.32 -18.22 18.83
C ALA B 17 2.48 -18.86 19.94
N GLN B 18 2.10 -18.05 20.92
CA GLN B 18 1.23 -18.47 22.02
C GLN B 18 -0.04 -17.63 21.99
N PRO B 19 -1.07 -18.03 22.76
CA PRO B 19 -2.29 -17.23 22.78
C PRO B 19 -2.11 -15.94 23.58
N VAL B 20 -2.61 -14.84 23.02
CA VAL B 20 -2.62 -13.55 23.69
C VAL B 20 -4.07 -13.15 23.94
N ASP B 21 -4.36 -12.73 25.16
CA ASP B 21 -5.71 -12.30 25.51
C ASP B 21 -5.91 -10.85 25.09
N ILE B 22 -6.80 -10.65 24.13
CA ILE B 22 -7.07 -9.34 23.58
C ILE B 22 -8.49 -8.92 23.94
N GLN B 23 -8.65 -7.66 24.31
CA GLN B 23 -9.95 -7.11 24.62
C GLN B 23 -10.35 -6.17 23.49
N ILE B 24 -11.37 -6.56 22.72
CA ILE B 24 -11.93 -5.69 21.70
C ILE B 24 -13.37 -5.34 22.04
N PHE B 25 -13.58 -4.09 22.40
CA PHE B 25 -14.93 -3.53 22.52
C PHE B 25 -15.82 -4.35 23.43
N GLY B 26 -15.35 -4.60 24.65
CA GLY B 26 -16.13 -5.28 25.65
C GLY B 26 -16.12 -6.78 25.46
N ARG B 27 -15.32 -7.25 24.49
CA ARG B 27 -15.17 -8.68 24.24
C ARG B 27 -13.74 -9.15 24.41
N SER B 28 -13.59 -10.26 25.13
CA SER B 28 -12.29 -10.88 25.34
C SER B 28 -12.17 -12.01 24.33
N LEU B 29 -11.03 -12.09 23.65
CA LEU B 29 -10.79 -13.19 22.73
C LEU B 29 -9.31 -13.53 22.73
N ARG B 30 -8.98 -14.75 22.30
CA ARG B 30 -7.62 -15.22 22.31
C ARG B 30 -7.09 -15.21 20.90
N VAL B 31 -5.90 -14.64 20.73
CA VAL B 31 -5.25 -14.61 19.43
C VAL B 31 -3.89 -15.25 19.59
N ASN B 32 -3.61 -16.24 18.76
CA ASN B 32 -2.29 -16.84 18.73
C ASN B 32 -1.36 -15.88 18.01
N CYS B 33 -0.21 -15.58 18.61
CA CYS B 33 0.66 -14.53 18.10
C CYS B 33 2.10 -14.65 18.62
N PRO B 34 3.08 -14.75 17.71
CA PRO B 34 4.47 -14.78 18.18
C PRO B 34 4.91 -13.43 18.75
N PRO B 35 5.91 -13.43 19.66
CA PRO B 35 6.41 -12.19 20.27
C PRO B 35 6.77 -11.08 19.27
N ASP B 36 7.34 -11.44 18.12
CA ASP B 36 7.79 -10.44 17.16
C ASP B 36 6.64 -9.79 16.40
N GLN B 37 5.41 -10.23 16.68
CA GLN B 37 4.22 -9.61 16.12
C GLN B 37 3.33 -9.01 17.21
N ARG B 38 3.72 -9.18 18.47
CA ARG B 38 2.92 -8.72 19.60
C ARG B 38 2.61 -7.23 19.54
N ASP B 39 3.60 -6.43 19.19
CA ASP B 39 3.41 -4.99 19.12
C ASP B 39 2.42 -4.62 18.02
N ALA B 40 2.52 -5.30 16.88
CA ALA B 40 1.55 -5.12 15.80
C ALA B 40 0.15 -5.52 16.26
N LEU B 41 0.06 -6.57 17.07
CA LEU B 41 -1.22 -7.05 17.59
C LEU B 41 -1.83 -6.02 18.55
N ASN B 42 -1.01 -5.47 19.45
CA ASN B 42 -1.49 -4.41 20.33
C ASN B 42 -1.97 -3.22 19.53
N GLN B 43 -1.25 -2.84 18.47
CA GLN B 43 -1.64 -1.68 17.68
C GLN B 43 -2.93 -1.93 16.92
N ALA B 44 -3.08 -3.16 16.43
CA ALA B 44 -4.28 -3.54 15.69
C ALA B 44 -5.51 -3.53 16.58
N ALA B 45 -5.37 -4.01 17.82
CA ALA B 45 -6.49 -3.99 18.75
C ALA B 45 -6.84 -2.56 19.12
N ASP B 46 -5.83 -1.71 19.28
CA ASP B 46 -6.05 -0.30 19.56
C ASP B 46 -6.72 0.39 18.39
N ASP B 47 -6.25 0.15 17.19
CA ASP B 47 -6.85 0.70 15.99
CA ASP B 47 -6.85 0.68 15.98
C ASP B 47 -8.31 0.25 15.89
N LEU B 48 -8.55 -1.05 16.02
CA LEU B 48 -9.91 -1.59 15.91
C LEU B 48 -10.86 -1.03 16.97
N ASN B 49 -10.37 -0.96 18.21
CA ASN B 49 -11.16 -0.39 19.30
C ASN B 49 -11.60 1.05 19.03
N GLN B 50 -10.66 1.85 18.55
CA GLN B 50 -10.94 3.25 18.23
C GLN B 50 -11.93 3.33 17.07
N ARG B 51 -11.75 2.44 16.10
CA ARG B 51 -12.61 2.39 14.92
C ARG B 51 -14.04 2.05 15.31
N LEU B 52 -14.18 1.07 16.18
CA LEU B 52 -15.50 0.61 16.59
C LEU B 52 -16.21 1.66 17.42
N GLN B 53 -15.43 2.40 18.21
CA GLN B 53 -16.00 3.46 19.04
C GLN B 53 -16.48 4.62 18.18
N ASP B 54 -15.65 5.05 17.23
CA ASP B 54 -16.02 6.15 16.33
C ASP B 54 -17.18 5.76 15.43
N LEU B 55 -17.22 4.48 15.05
CA LEU B 55 -18.31 3.97 14.23
C LEU B 55 -19.60 3.94 15.05
N LYS B 56 -19.50 3.52 16.30
CA LYS B 56 -20.66 3.43 17.20
C LYS B 56 -21.41 4.76 17.39
N GLU B 57 -20.66 5.85 17.54
CA GLU B 57 -21.25 7.17 17.73
C GLU B 57 -21.83 7.75 16.43
N ARG B 58 -21.77 6.97 15.36
CA ARG B 58 -22.05 7.48 14.02
C ARG B 58 -23.21 6.74 13.40
N THR B 59 -23.89 5.93 14.21
CA THR B 59 -24.60 4.76 13.70
C THR B 59 -25.51 4.12 14.75
N VAL B 61 -28.53 0.60 17.70
CA VAL B 61 -28.82 -0.69 17.09
C VAL B 61 -27.49 -1.40 16.95
N THR B 62 -26.58 -1.07 17.87
CA THR B 62 -25.21 -1.50 17.77
C THR B 62 -25.01 -2.86 18.42
N ASN B 63 -25.58 -3.90 17.81
CA ASN B 63 -25.12 -5.26 18.06
C ASN B 63 -23.64 -5.18 17.77
N THR B 64 -22.82 -5.62 18.71
CA THR B 64 -21.37 -5.43 18.57
C THR B 64 -20.90 -6.23 17.37
N GLU B 65 -21.54 -7.37 17.15
CA GLU B 65 -21.16 -8.24 16.06
C GLU B 65 -21.36 -7.58 14.71
N GLN B 66 -22.51 -6.95 14.54
CA GLN B 66 -22.82 -6.26 13.30
C GLN B 66 -21.91 -5.05 13.15
N LEU B 67 -21.60 -4.42 14.27
CA LEU B 67 -20.70 -3.26 14.28
C LEU B 67 -19.30 -3.67 13.78
N VAL B 68 -18.84 -4.83 14.21
CA VAL B 68 -17.54 -5.34 13.77
C VAL B 68 -17.59 -5.70 12.28
N PHE B 69 -18.73 -6.19 11.82
CA PHE B 69 -18.89 -6.52 10.41
C PHE B 69 -18.75 -5.26 9.55
N ILE B 70 -19.38 -4.18 9.99
CA ILE B 70 -19.34 -2.92 9.27
C ILE B 70 -17.94 -2.31 9.32
N ALA B 71 -17.28 -2.41 10.47
CA ALA B 71 -15.90 -1.94 10.58
C ALA B 71 -15.02 -2.70 9.59
N ALA B 72 -15.22 -4.02 9.53
CA ALA B 72 -14.41 -4.87 8.66
C ALA B 72 -14.64 -4.57 7.19
N LEU B 73 -15.88 -4.22 6.84
CA LEU B 73 -16.19 -3.78 5.49
C LEU B 73 -15.44 -2.49 5.15
N ASN B 74 -15.47 -1.52 6.06
CA ASN B 74 -14.74 -0.27 5.87
C ASN B 74 -13.25 -0.50 5.71
N ILE B 75 -12.69 -1.37 6.53
CA ILE B 75 -11.26 -1.65 6.46
C ILE B 75 -10.93 -2.34 5.14
N SER B 76 -11.77 -3.28 4.71
CA SER B 76 -11.57 -3.96 3.41
C SER B 76 -11.50 -2.97 2.26
N TYR B 77 -12.40 -2.01 2.28
CA TYR B 77 -12.46 -0.95 1.26
C TYR B 77 -11.22 -0.06 1.34
N GLU B 78 -10.83 0.31 2.55
CA GLU B 78 -9.64 1.14 2.75
C GLU B 78 -8.37 0.42 2.29
N LEU B 79 -8.32 -0.88 2.54
CA LEU B 79 -7.19 -1.69 2.12
C LEU B 79 -7.12 -1.74 0.58
N ALA B 80 -8.27 -1.95 -0.06
CA ALA B 80 -8.36 -1.97 -1.50
C ALA B 80 -7.86 -0.65 -2.09
N GLN B 81 -8.24 0.45 -1.46
CA GLN B 81 -7.82 1.78 -1.90
C GLN B 81 -6.34 1.99 -1.70
N GLU B 82 -5.83 1.55 -0.55
CA GLU B 82 -4.41 1.71 -0.24
C GLU B 82 -3.56 0.93 -1.23
N LYS B 83 -4.03 -0.26 -1.60
CA LYS B 83 -3.32 -1.08 -2.57
C LYS B 83 -3.33 -0.42 -3.94
N ALA B 84 -4.43 0.25 -4.26
CA ALA B 84 -4.53 0.95 -5.53
C ALA B 84 -3.52 2.09 -5.61
N LYS B 85 -3.16 2.68 -4.47
CA LYS B 85 -2.18 3.76 -4.45
C LYS B 85 -0.81 3.29 -4.94
N THR B 86 -0.33 2.15 -4.44
CA THR B 86 0.97 1.65 -4.87
C THR B 86 0.91 1.14 -6.31
N ARG B 87 -0.24 0.60 -6.69
CA ARG B 87 -0.48 0.22 -8.08
C ARG B 87 -0.37 1.45 -8.98
N ASP B 88 -0.95 2.56 -8.51
CA ASP B 88 -0.92 3.82 -9.24
C ASP B 88 0.48 4.43 -9.27
N TYR B 89 1.21 4.35 -8.16
CA TYR B 89 2.62 4.77 -8.15
C TYR B 89 3.38 4.01 -9.22
N ALA B 90 3.24 2.69 -9.18
CA ALA B 90 3.96 1.79 -10.06
C ALA B 90 3.65 2.07 -11.52
N ALA B 91 2.39 2.35 -11.81
CA ALA B 91 1.97 2.64 -13.18
C ALA B 91 2.61 3.93 -13.66
N SER B 92 2.68 4.93 -12.80
CA SER B 92 3.31 6.20 -13.15
C SER B 92 4.79 5.98 -13.38
N MET B 93 5.42 5.24 -12.47
CA MET B 93 6.86 5.03 -12.52
C MET B 93 7.26 4.25 -13.77
N GLU B 94 6.36 3.40 -14.23
CA GLU B 94 6.58 2.62 -15.43
C GLU B 94 6.77 3.55 -16.64
N GLN B 95 5.96 4.61 -16.69
CA GLN B 95 6.07 5.61 -17.74
C GLN B 95 7.36 6.41 -17.60
N ARG B 96 7.73 6.73 -16.37
CA ARG B 96 8.94 7.51 -16.13
C ARG B 96 10.18 6.72 -16.56
N ILE B 97 10.22 5.44 -16.22
CA ILE B 97 11.32 4.58 -16.60
C ILE B 97 11.43 4.47 -18.12
N ARG B 98 10.29 4.36 -18.80
CA ARG B 98 10.26 4.32 -20.26
C ARG B 98 10.92 5.55 -20.89
N MET B 99 10.51 6.71 -20.43
CA MET B 99 11.07 7.97 -20.93
C MET B 99 12.56 8.08 -20.66
N LEU B 100 12.99 7.69 -19.45
CA LEU B 100 14.40 7.72 -19.11
C LEU B 100 15.20 6.78 -20.02
N GLN B 101 14.66 5.60 -20.26
CA GLN B 101 15.37 4.56 -20.99
C GLN B 101 15.51 4.93 -22.48
N GLN B 102 14.55 5.69 -23.02
CA GLN B 102 14.67 6.17 -24.40
C GLN B 102 15.73 7.26 -24.47
N THR B 103 15.80 8.08 -23.42
CA THR B 103 16.76 9.18 -23.38
C THR B 103 18.15 8.59 -23.37
N ILE B 104 18.30 7.52 -22.60
CA ILE B 104 19.54 6.76 -22.56
C ILE B 104 19.91 6.19 -23.93
N GLU B 105 18.99 5.54 -24.63
CA GLU B 105 19.35 4.98 -25.93
C GLU B 105 19.65 6.08 -26.93
N GLN B 106 18.98 7.22 -26.80
CA GLN B 106 19.25 8.32 -27.72
C GLN B 106 20.63 8.90 -27.45
N ALA B 107 21.02 8.97 -26.18
CA ALA B 107 22.35 9.45 -25.80
C ALA B 107 23.42 8.52 -26.39
N LEU B 108 23.18 7.22 -26.30
CA LEU B 108 24.10 6.24 -26.84
C LEU B 108 24.21 6.38 -28.36
N LEU B 109 23.07 6.53 -29.03
CA LEU B 109 23.04 6.71 -30.47
C LEU B 109 23.80 7.97 -30.87
N GLU B 110 23.54 9.06 -30.17
CA GLU B 110 24.20 10.32 -30.45
C GLU B 110 25.71 10.27 -30.21
N GLN B 111 26.12 9.61 -29.14
CA GLN B 111 27.54 9.49 -28.82
C GLN B 111 28.26 8.77 -29.95
N GLY B 112 27.67 7.68 -30.42
CA GLY B 112 28.23 6.94 -31.53
C GLY B 112 28.32 7.79 -32.79
N ARG B 113 27.24 8.52 -33.08
CA ARG B 113 27.16 9.29 -34.31
C ARG B 113 28.25 10.36 -34.36
N ILE B 114 28.50 11.02 -33.24
CA ILE B 114 29.49 12.10 -33.21
C ILE B 114 30.93 11.57 -33.17
N THR B 115 31.17 10.51 -32.40
CA THR B 115 32.52 9.94 -32.30
C THR B 115 33.00 9.36 -33.63
N GLU B 116 32.06 9.01 -34.49
CA GLU B 116 32.40 8.42 -35.79
C GLU B 116 32.98 9.43 -36.77
N LYS B 117 32.79 10.72 -36.49
CA LYS B 117 33.23 11.77 -37.40
C LYS B 117 34.74 11.80 -37.56
N THR B 118 35.16 12.04 -38.80
CA THR B 118 36.57 12.10 -39.18
C THR B 118 36.90 13.49 -39.71
N ASN B 119 38.00 14.06 -39.22
CA ASN B 119 38.44 15.37 -39.71
C ASN B 119 38.99 15.25 -41.12
N GLN B 120 38.69 16.25 -41.94
CA GLN B 120 39.16 16.31 -43.32
C GLN B 120 40.31 17.30 -43.42
N ASN B 121 41.05 17.23 -44.52
CA ASN B 121 42.08 18.22 -44.80
C ASN B 121 41.87 18.83 -46.18
N PHE B 122 42.68 19.82 -46.51
CA PHE B 122 42.57 20.50 -47.80
C PHE B 122 43.36 19.76 -48.85
N GLU B 123 44.59 19.41 -48.50
CA GLU B 123 45.53 18.83 -49.45
C GLU B 123 46.34 17.74 -48.76
#